data_6HLL
#
_entry.id   6HLL
#
_cell.length_a   61.996
_cell.length_b   122.733
_cell.length_c   286.494
_cell.angle_alpha   90.00
_cell.angle_beta   90.00
_cell.angle_gamma   90.00
#
_symmetry.space_group_name_H-M   'C 2 2 21'
#
loop_
_entity.id
_entity.type
_entity.pdbx_description
1 polymer 'Substance-P receptor,GlgA glycogen synthase,Substance-P receptor'
2 non-polymer (2~{S},3~{S})-~{N}-[(2-methoxyphenyl)methyl]-2-phenyl-piperidin-3-amine
#
_entity_poly.entity_id   1
_entity_poly.type   'polypeptide(L)'
_entity_poly.pdbx_seq_one_letter_code
;MDNVLPVDSDLSPNISTNTSEPNQFVQPAWQIVLWAAAYTVIVVTSVVGNVVVMWIILAHKRMRTVTNYFLVNAAFAEAS
MAAFNTVVNFTYAVHNEWYYGLFYCKFHNFFPIAAIFASIYSMTAVAFDRYMAIIHPLQPRLSLTATKVVICVIWVLALL
LAFPQGYYSTTETMPSRVVCKIEWPEHPNKIYEKVYHICVTVLIYFLPLLVIGYLYTVVGITLRASGIDCSFWNESYLTG
SRDERKKSLLSKFGMDEGVTFMFIGRFDRGQKGVDVLLKAIEILSSKKEFQEMRFIIIGKGDPELEGWARSLEEKHGNVK
VITEMLSREFVRELYGSVDFVIIPSYFEPFGLVALEAMCLGAIPIASAVGGLRDIITNETGILVKAGDPGELANAILKAL
ELSRSDLSKFRENCKKRAMSFSEQVSAARKVVKMMIVVVCTFAICWLPFHIFFLLPYINPDLYLKKFIQQVYLAIMWLAM
SSTMYNPIIYCCLNDRFRLGFKHAFRCCPFISAGDYEGLE
;
_entity_poly.pdbx_strand_id   A
#
loop_
_chem_comp.id
_chem_comp.type
_chem_comp.name
_chem_comp.formula
GBK non-polymer (2~{S},3~{S})-~{N}-[(2-methoxyphenyl)methyl]-2-phenyl-piperidin-3-amine 'C19 H24 N2 O'
#
# COMPACT_ATOMS: atom_id res chain seq x y z
N GLN A 27 -31.27 -30.20 16.32
CA GLN A 27 -32.66 -30.70 16.33
C GLN A 27 -33.47 -29.90 17.35
N PRO A 28 -32.91 -29.53 18.51
CA PRO A 28 -33.70 -28.80 19.49
C PRO A 28 -34.20 -27.60 18.69
N ALA A 29 -35.49 -27.25 18.87
CA ALA A 29 -36.08 -26.14 18.09
C ALA A 29 -35.30 -24.86 18.38
N TRP A 30 -34.93 -24.60 19.64
CA TRP A 30 -34.12 -23.40 19.91
C TRP A 30 -32.82 -23.50 19.11
N GLN A 31 -32.11 -24.64 19.10
CA GLN A 31 -30.93 -24.51 18.26
C GLN A 31 -31.30 -24.11 16.84
N ILE A 32 -32.44 -24.61 16.35
CA ILE A 32 -32.84 -24.29 14.98
C ILE A 32 -33.24 -22.83 14.86
N VAL A 33 -33.92 -22.29 15.88
CA VAL A 33 -34.20 -20.85 15.85
C VAL A 33 -32.91 -20.04 16.00
N LEU A 34 -31.94 -20.55 16.77
CA LEU A 34 -30.64 -19.88 16.88
C LEU A 34 -29.99 -19.75 15.52
N TRP A 35 -29.81 -20.88 14.83
CA TRP A 35 -29.12 -20.87 13.54
C TRP A 35 -29.93 -20.13 12.48
N ALA A 36 -31.27 -20.19 12.56
CA ALA A 36 -32.07 -19.42 11.62
C ALA A 36 -31.84 -17.93 11.81
N ALA A 37 -31.73 -17.48 13.06
CA ALA A 37 -31.46 -16.07 13.31
C ALA A 37 -30.07 -15.68 12.83
N ALA A 38 -29.07 -16.53 13.10
CA ALA A 38 -27.72 -16.18 12.66
C ALA A 38 -27.60 -16.10 11.14
N TYR A 39 -28.14 -17.08 10.42
CA TYR A 39 -28.05 -17.04 8.97
C TYR A 39 -28.83 -15.88 8.38
N THR A 40 -29.99 -15.56 8.98
CA THR A 40 -30.73 -14.39 8.49
C THR A 40 -29.96 -13.11 8.75
N VAL A 41 -29.23 -13.05 9.87
CA VAL A 41 -28.37 -11.89 10.12
C VAL A 41 -27.32 -11.75 9.03
N ILE A 42 -26.76 -12.88 8.59
CA ILE A 42 -25.77 -12.83 7.52
C ILE A 42 -26.40 -12.27 6.25
N VAL A 43 -27.58 -12.77 5.89
CA VAL A 43 -28.18 -12.38 4.62
C VAL A 43 -28.54 -10.89 4.63
N VAL A 44 -29.17 -10.42 5.71
CA VAL A 44 -29.62 -9.03 5.73
C VAL A 44 -28.43 -8.08 5.81
N THR A 45 -27.44 -8.39 6.67
CA THR A 45 -26.31 -7.47 6.80
C THR A 45 -25.51 -7.42 5.50
N SER A 46 -25.35 -8.56 4.83
CA SER A 46 -24.56 -8.58 3.60
C SER A 46 -25.28 -7.87 2.47
N VAL A 47 -26.58 -8.14 2.28
CA VAL A 47 -27.29 -7.52 1.16
C VAL A 47 -27.48 -6.03 1.40
N VAL A 48 -27.85 -5.63 2.62
CA VAL A 48 -28.01 -4.21 2.91
C VAL A 48 -26.67 -3.49 2.73
N GLY A 49 -25.61 -4.02 3.34
CA GLY A 49 -24.34 -3.32 3.26
C GLY A 49 -23.74 -3.27 1.87
N ASN A 50 -23.87 -4.37 1.13
CA ASN A 50 -23.28 -4.40 -0.20
C ASN A 50 -24.09 -3.59 -1.20
N VAL A 51 -25.41 -3.60 -1.08
CA VAL A 51 -26.23 -2.75 -1.93
C VAL A 51 -25.93 -1.29 -1.63
N VAL A 52 -25.74 -0.97 -0.35
CA VAL A 52 -25.38 0.40 0.03
C VAL A 52 -24.03 0.76 -0.56
N VAL A 53 -23.10 -0.20 -0.60
CA VAL A 53 -21.78 0.10 -1.16
C VAL A 53 -21.88 0.37 -2.65
N MET A 54 -22.67 -0.44 -3.36
CA MET A 54 -22.83 -0.22 -4.80
C MET A 54 -23.48 1.13 -5.07
N TRP A 55 -24.45 1.54 -4.25
CA TRP A 55 -25.05 2.85 -4.41
C TRP A 55 -24.06 3.97 -4.10
N ILE A 56 -23.19 3.74 -3.10
CA ILE A 56 -22.23 4.76 -2.70
C ILE A 56 -21.23 5.01 -3.81
N ILE A 57 -20.77 3.94 -4.46
CA ILE A 57 -19.74 4.10 -5.49
C ILE A 57 -20.35 4.58 -6.80
N LEU A 58 -21.51 4.05 -7.18
CA LEU A 58 -22.04 4.38 -8.50
C LEU A 58 -22.80 5.70 -8.51
N ALA A 59 -23.56 5.99 -7.46
CA ALA A 59 -24.41 7.18 -7.46
C ALA A 59 -23.65 8.48 -7.23
N HIS A 60 -22.43 8.41 -6.72
CA HIS A 60 -21.63 9.59 -6.42
C HIS A 60 -20.50 9.69 -7.43
N LYS A 61 -20.35 10.87 -8.03
CA LYS A 61 -19.47 11.02 -9.18
C LYS A 61 -18.00 10.84 -8.82
N ARG A 62 -17.56 11.37 -7.68
CA ARG A 62 -16.15 11.33 -7.34
C ARG A 62 -15.63 9.93 -7.08
N MET A 63 -16.50 8.99 -6.70
CA MET A 63 -16.07 7.66 -6.30
C MET A 63 -15.84 6.72 -7.48
N ARG A 64 -16.07 7.15 -8.71
CA ARG A 64 -15.98 6.25 -9.87
C ARG A 64 -14.52 6.08 -10.29
N THR A 65 -13.75 5.41 -9.42
CA THR A 65 -12.38 5.04 -9.70
C THR A 65 -12.29 3.60 -10.21
N VAL A 66 -11.11 3.24 -10.71
CA VAL A 66 -10.86 1.86 -11.13
C VAL A 66 -11.04 0.90 -9.95
N THR A 67 -10.37 1.20 -8.84
CA THR A 67 -10.44 0.35 -7.67
C THR A 67 -11.88 0.20 -7.20
N ASN A 68 -12.61 1.32 -7.17
CA ASN A 68 -13.98 1.25 -6.65
C ASN A 68 -14.89 0.48 -7.59
N TYR A 69 -14.57 0.44 -8.89
CA TYR A 69 -15.34 -0.40 -9.80
C TYR A 69 -15.14 -1.87 -9.47
N PHE A 70 -13.88 -2.27 -9.21
CA PHE A 70 -13.64 -3.65 -8.79
C PHE A 70 -14.33 -3.95 -7.46
N LEU A 71 -14.35 -2.97 -6.54
CA LEU A 71 -15.06 -3.17 -5.28
C LEU A 71 -16.56 -3.33 -5.51
N VAL A 72 -17.11 -2.65 -6.51
CA VAL A 72 -18.53 -2.83 -6.82
C VAL A 72 -18.75 -4.25 -7.34
N ASN A 73 -17.81 -4.78 -8.12
CA ASN A 73 -17.97 -6.15 -8.58
C ASN A 73 -17.95 -7.12 -7.41
N ALA A 74 -17.02 -6.94 -6.46
CA ALA A 74 -16.98 -7.82 -5.30
C ALA A 74 -18.23 -7.69 -4.42
N ALA A 75 -18.74 -6.46 -4.23
CA ALA A 75 -19.96 -6.29 -3.45
C ALA A 75 -21.16 -6.89 -4.16
N PHE A 76 -21.16 -6.84 -5.49
CA PHE A 76 -22.21 -7.45 -6.28
C PHE A 76 -22.19 -8.97 -6.15
N ALA A 77 -20.99 -9.56 -6.21
CA ALA A 77 -20.87 -11.01 -6.07
C ALA A 77 -21.25 -11.47 -4.67
N GLU A 78 -20.78 -10.76 -3.64
CA GLU A 78 -21.05 -11.17 -2.27
C GLU A 78 -22.53 -11.01 -1.93
N ALA A 79 -23.15 -9.90 -2.33
CA ALA A 79 -24.58 -9.74 -2.10
C ALA A 79 -25.38 -10.80 -2.84
N SER A 80 -24.98 -11.11 -4.09
CA SER A 80 -25.72 -12.09 -4.87
C SER A 80 -25.64 -13.46 -4.24
N MET A 81 -24.42 -13.90 -3.88
CA MET A 81 -24.28 -15.21 -3.27
C MET A 81 -24.99 -15.30 -1.94
N ALA A 82 -25.04 -14.18 -1.19
CA ALA A 82 -25.77 -14.22 0.07
C ALA A 82 -27.25 -14.47 -0.18
N ALA A 83 -27.88 -13.61 -1.01
CA ALA A 83 -29.33 -13.71 -1.18
C ALA A 83 -29.74 -15.00 -1.88
N PHE A 84 -28.91 -15.52 -2.77
CA PHE A 84 -29.31 -16.65 -3.61
C PHE A 84 -28.78 -17.99 -3.13
N ASN A 85 -27.95 -18.00 -2.09
CA ASN A 85 -27.38 -19.27 -1.62
C ASN A 85 -27.39 -19.45 -0.11
N THR A 86 -27.25 -18.40 0.70
CA THR A 86 -27.21 -18.61 2.15
C THR A 86 -28.51 -19.21 2.65
N VAL A 87 -29.64 -18.72 2.12
CA VAL A 87 -30.96 -19.16 2.58
C VAL A 87 -31.14 -20.64 2.32
N VAL A 88 -30.89 -21.06 1.08
CA VAL A 88 -31.13 -22.45 0.69
C VAL A 88 -30.11 -23.38 1.35
N ASN A 89 -28.86 -22.93 1.52
CA ASN A 89 -27.91 -23.77 2.22
C ASN A 89 -28.37 -24.04 3.65
N PHE A 90 -28.95 -23.04 4.32
CA PHE A 90 -29.41 -23.28 5.68
C PHE A 90 -30.63 -24.21 5.70
N THR A 91 -31.65 -23.90 4.88
CA THR A 91 -32.88 -24.68 4.96
C THR A 91 -32.63 -26.14 4.56
N TYR A 92 -31.92 -26.34 3.45
CA TYR A 92 -31.64 -27.70 3.00
C TYR A 92 -30.69 -28.42 3.97
N ALA A 93 -29.78 -27.70 4.61
CA ALA A 93 -28.88 -28.37 5.55
C ALA A 93 -29.62 -28.84 6.79
N VAL A 94 -30.52 -28.02 7.32
CA VAL A 94 -31.22 -28.41 8.55
C VAL A 94 -32.34 -29.38 8.24
N HIS A 95 -33.12 -29.14 7.20
CA HIS A 95 -34.32 -29.91 6.92
C HIS A 95 -34.07 -31.19 6.14
N ASN A 96 -32.90 -31.33 5.51
CA ASN A 96 -32.54 -32.54 4.77
C ASN A 96 -33.56 -32.88 3.68
N GLU A 97 -34.12 -31.87 3.01
CA GLU A 97 -35.08 -32.11 1.94
C GLU A 97 -34.97 -31.01 0.89
N TRP A 98 -34.84 -31.41 -0.38
CA TRP A 98 -34.77 -30.45 -1.47
C TRP A 98 -36.16 -30.09 -1.95
N TYR A 99 -36.45 -28.79 -2.03
CA TYR A 99 -37.78 -28.31 -2.37
C TYR A 99 -37.86 -27.46 -3.64
N TYR A 100 -36.73 -27.19 -4.30
CA TYR A 100 -36.65 -26.08 -5.24
C TYR A 100 -36.38 -26.50 -6.68
N GLY A 101 -36.40 -27.80 -6.99
CA GLY A 101 -36.32 -28.26 -8.36
C GLY A 101 -34.91 -28.48 -8.86
N LEU A 102 -34.83 -29.13 -10.03
CA LEU A 102 -33.54 -29.49 -10.60
C LEU A 102 -32.73 -28.26 -10.97
N PHE A 103 -33.38 -27.28 -11.60
CA PHE A 103 -32.67 -26.08 -12.05
C PHE A 103 -31.98 -25.38 -10.88
N TYR A 104 -32.72 -25.15 -9.81
CA TYR A 104 -32.13 -24.51 -8.65
C TYR A 104 -31.18 -25.42 -7.87
N CYS A 105 -31.27 -26.74 -8.03
CA CYS A 105 -30.23 -27.58 -7.46
C CYS A 105 -28.90 -27.35 -8.17
N LYS A 106 -28.95 -27.23 -9.50
CA LYS A 106 -27.73 -26.95 -10.24
C LYS A 106 -27.19 -25.55 -9.94
N PHE A 107 -28.07 -24.54 -9.95
CA PHE A 107 -27.60 -23.20 -9.63
C PHE A 107 -27.08 -23.12 -8.19
N HIS A 108 -27.73 -23.83 -7.27
CA HIS A 108 -27.29 -23.82 -5.87
C HIS A 108 -25.91 -24.44 -5.71
N ASN A 109 -25.56 -25.42 -6.54
CA ASN A 109 -24.20 -25.95 -6.49
C ASN A 109 -23.25 -25.25 -7.47
N PHE A 110 -23.74 -24.30 -8.27
CA PHE A 110 -22.93 -23.66 -9.31
C PHE A 110 -22.50 -22.25 -8.95
N PHE A 111 -23.45 -21.40 -8.57
CA PHE A 111 -23.18 -19.97 -8.36
C PHE A 111 -22.08 -19.70 -7.35
N PRO A 112 -22.04 -20.31 -6.16
CA PRO A 112 -21.07 -19.87 -5.13
C PRO A 112 -19.62 -19.90 -5.58
N ILE A 113 -19.22 -20.88 -6.40
CA ILE A 113 -17.83 -20.91 -6.88
C ILE A 113 -17.54 -19.67 -7.72
N ALA A 114 -18.43 -19.38 -8.67
CA ALA A 114 -18.22 -18.23 -9.54
C ALA A 114 -18.24 -16.93 -8.74
N ALA A 115 -19.07 -16.86 -7.71
CA ALA A 115 -19.13 -15.63 -6.91
C ALA A 115 -17.85 -15.43 -6.12
N ILE A 116 -17.34 -16.49 -5.48
CA ILE A 116 -16.10 -16.37 -4.74
C ILE A 116 -14.96 -16.00 -5.67
N PHE A 117 -14.97 -16.55 -6.89
CA PHE A 117 -13.94 -16.23 -7.86
C PHE A 117 -14.00 -14.76 -8.27
N ALA A 118 -15.21 -14.26 -8.52
CA ALA A 118 -15.34 -12.88 -8.95
C ALA A 118 -14.93 -11.90 -7.87
N SER A 119 -15.26 -12.21 -6.61
CA SER A 119 -14.93 -11.26 -5.55
C SER A 119 -13.43 -11.32 -5.22
N ILE A 120 -12.87 -12.52 -5.06
CA ILE A 120 -11.46 -12.59 -4.69
C ILE A 120 -10.58 -12.09 -5.81
N TYR A 121 -10.96 -12.29 -7.07
CA TYR A 121 -10.12 -11.77 -8.14
C TYR A 121 -10.38 -10.30 -8.42
N SER A 122 -11.55 -9.78 -8.02
CA SER A 122 -11.70 -8.33 -7.93
C SER A 122 -10.76 -7.75 -6.89
N MET A 123 -10.61 -8.43 -5.75
CA MET A 123 -9.65 -7.99 -4.74
C MET A 123 -8.23 -8.09 -5.26
N THR A 124 -7.93 -9.11 -6.07
CA THR A 124 -6.63 -9.18 -6.70
C THR A 124 -6.43 -8.01 -7.64
N ALA A 125 -7.49 -7.59 -8.33
CA ALA A 125 -7.39 -6.42 -9.20
C ALA A 125 -7.10 -5.16 -8.38
N VAL A 126 -7.66 -5.07 -7.17
CA VAL A 126 -7.41 -3.90 -6.33
C VAL A 126 -5.96 -3.87 -5.86
N ALA A 127 -5.46 -5.00 -5.36
CA ALA A 127 -4.08 -5.05 -4.90
C ALA A 127 -3.12 -4.79 -6.06
N PHE A 128 -3.45 -5.30 -7.25
CA PHE A 128 -2.60 -5.06 -8.41
C PHE A 128 -2.60 -3.59 -8.79
N ASP A 129 -3.76 -2.94 -8.67
CA ASP A 129 -3.85 -1.54 -9.06
C ASP A 129 -3.05 -0.66 -8.10
N ARG A 130 -3.11 -0.94 -6.79
CA ARG A 130 -2.29 -0.18 -5.86
C ARG A 130 -0.82 -0.46 -6.06
N TYR A 131 -0.46 -1.71 -6.36
CA TYR A 131 0.94 -2.02 -6.61
C TYR A 131 1.46 -1.28 -7.82
N MET A 132 0.61 -1.10 -8.84
CA MET A 132 1.02 -0.36 -10.02
C MET A 132 1.13 1.13 -9.73
N ALA A 133 0.16 1.70 -9.00
CA ALA A 133 0.18 3.12 -8.68
C ALA A 133 1.35 3.49 -7.79
N ILE A 134 1.87 2.56 -6.99
CA ILE A 134 2.95 2.85 -6.06
C ILE A 134 4.31 2.48 -6.63
N ILE A 135 4.46 1.27 -7.17
CA ILE A 135 5.80 0.77 -7.51
C ILE A 135 6.28 1.30 -8.86
N HIS A 136 5.38 1.42 -9.84
CA HIS A 136 5.70 2.00 -11.15
C HIS A 136 4.67 3.05 -11.49
N PRO A 137 4.71 4.20 -10.80
CA PRO A 137 3.68 5.23 -11.05
C PRO A 137 3.63 5.72 -12.49
N LEU A 138 4.76 5.77 -13.19
CA LEU A 138 4.77 6.29 -14.55
C LEU A 138 4.03 5.37 -15.53
N GLN A 139 4.02 4.06 -15.26
CA GLN A 139 3.38 3.13 -16.18
C GLN A 139 1.85 3.27 -16.11
N PRO A 140 1.15 3.07 -17.24
CA PRO A 140 -0.29 3.36 -17.28
C PRO A 140 -1.12 2.21 -16.72
N ARG A 141 -1.99 2.54 -15.77
CA ARG A 141 -3.06 1.65 -15.35
C ARG A 141 -4.22 1.69 -16.36
N LEU A 142 -4.97 0.61 -16.42
CA LEU A 142 -6.04 0.49 -17.40
C LEU A 142 -7.23 1.39 -17.04
N SER A 143 -7.96 1.80 -18.08
CA SER A 143 -9.02 2.80 -17.97
C SER A 143 -10.31 2.19 -17.43
N LEU A 144 -11.30 3.05 -17.17
CA LEU A 144 -12.55 2.61 -16.57
C LEU A 144 -13.27 1.58 -17.43
N THR A 145 -13.46 1.89 -18.73
CA THR A 145 -14.07 0.91 -19.61
C THR A 145 -13.20 -0.34 -19.73
N ALA A 146 -11.87 -0.18 -19.65
CA ALA A 146 -11.00 -1.33 -19.58
C ALA A 146 -11.23 -2.13 -18.30
N THR A 147 -11.56 -1.45 -17.18
CA THR A 147 -11.94 -2.19 -15.98
C THR A 147 -13.20 -2.99 -16.22
N LYS A 148 -14.15 -2.42 -16.96
CA LYS A 148 -15.38 -3.17 -17.23
C LYS A 148 -15.11 -4.41 -18.08
N VAL A 149 -14.17 -4.30 -19.02
CA VAL A 149 -13.80 -5.49 -19.80
C VAL A 149 -13.14 -6.52 -18.89
N VAL A 150 -12.26 -6.07 -17.98
CA VAL A 150 -11.57 -7.01 -17.10
C VAL A 150 -12.57 -7.69 -16.17
N ILE A 151 -13.61 -6.97 -15.76
CA ILE A 151 -14.64 -7.58 -14.91
C ILE A 151 -15.43 -8.62 -15.68
N CYS A 152 -15.75 -8.34 -16.95
CA CYS A 152 -16.45 -9.35 -17.73
C CYS A 152 -15.58 -10.59 -17.93
N VAL A 153 -14.27 -10.41 -18.12
CA VAL A 153 -13.38 -11.56 -18.21
C VAL A 153 -13.34 -12.32 -16.89
N ILE A 154 -13.40 -11.59 -15.77
CA ILE A 154 -13.41 -12.23 -14.45
C ILE A 154 -14.64 -13.13 -14.32
N TRP A 155 -15.79 -12.62 -14.78
CA TRP A 155 -17.02 -13.40 -14.68
C TRP A 155 -16.98 -14.60 -15.63
N VAL A 156 -16.36 -14.44 -16.79
CA VAL A 156 -16.27 -15.55 -17.73
C VAL A 156 -15.46 -16.68 -17.10
N LEU A 157 -14.28 -16.36 -16.56
CA LEU A 157 -13.47 -17.38 -15.91
C LEU A 157 -14.17 -17.96 -14.69
N ALA A 158 -14.96 -17.15 -13.99
CA ALA A 158 -15.64 -17.64 -12.79
C ALA A 158 -16.72 -18.64 -13.14
N LEU A 159 -17.59 -18.28 -14.10
CA LEU A 159 -18.66 -19.18 -14.50
C LEU A 159 -18.12 -20.44 -15.15
N LEU A 160 -17.02 -20.33 -15.90
CA LEU A 160 -16.49 -21.53 -16.54
C LEU A 160 -15.77 -22.43 -15.54
N LEU A 161 -15.17 -21.87 -14.49
CA LEU A 161 -14.63 -22.72 -13.42
C LEU A 161 -15.75 -23.38 -12.64
N ALA A 162 -16.82 -22.64 -12.34
CA ALA A 162 -17.92 -23.18 -11.56
C ALA A 162 -18.76 -24.15 -12.36
N PHE A 163 -18.64 -24.13 -13.69
CA PHE A 163 -19.56 -24.87 -14.56
C PHE A 163 -19.58 -26.37 -14.30
N PRO A 164 -18.45 -27.08 -14.17
CA PRO A 164 -18.55 -28.55 -14.05
C PRO A 164 -19.41 -29.00 -12.87
N GLN A 165 -19.35 -28.27 -11.76
CA GLN A 165 -20.13 -28.67 -10.59
C GLN A 165 -21.62 -28.49 -10.82
N GLY A 166 -22.02 -27.36 -11.43
CA GLY A 166 -23.42 -27.16 -11.71
C GLY A 166 -23.91 -28.10 -12.79
N TYR A 167 -23.01 -28.52 -13.68
CA TYR A 167 -23.36 -29.49 -14.72
C TYR A 167 -23.68 -30.86 -14.11
N TYR A 168 -23.00 -31.25 -13.03
CA TYR A 168 -23.21 -32.57 -12.48
C TYR A 168 -24.18 -32.64 -11.29
N SER A 169 -24.80 -31.53 -10.89
CA SER A 169 -25.83 -31.58 -9.87
C SER A 169 -27.13 -32.13 -10.45
N THR A 170 -27.87 -32.88 -9.63
CA THR A 170 -29.11 -33.48 -10.10
C THR A 170 -30.00 -33.87 -8.93
N THR A 171 -31.30 -33.97 -9.21
CA THR A 171 -32.30 -34.38 -8.24
C THR A 171 -32.58 -35.87 -8.37
N GLU A 172 -32.61 -36.55 -7.24
CA GLU A 172 -33.03 -37.95 -7.15
C GLU A 172 -34.34 -37.94 -6.38
N THR A 173 -35.44 -38.10 -7.11
CA THR A 173 -36.72 -38.38 -6.48
C THR A 173 -36.64 -39.77 -5.85
N MET A 174 -37.16 -39.89 -4.65
CA MET A 174 -36.84 -41.07 -3.89
C MET A 174 -37.96 -41.37 -2.91
N PRO A 175 -37.82 -42.32 -1.95
CA PRO A 175 -38.99 -42.67 -1.13
C PRO A 175 -39.55 -41.55 -0.27
N SER A 176 -38.81 -41.14 0.75
CA SER A 176 -39.32 -40.13 1.65
C SER A 176 -39.09 -38.71 1.14
N ARG A 177 -38.05 -38.48 0.34
CA ARG A 177 -37.63 -37.12 0.05
C ARG A 177 -37.01 -37.04 -1.33
N VAL A 178 -36.93 -35.81 -1.83
CA VAL A 178 -36.16 -35.48 -3.03
C VAL A 178 -34.79 -35.01 -2.57
N VAL A 179 -33.72 -35.46 -3.23
CA VAL A 179 -32.39 -35.03 -2.81
C VAL A 179 -31.63 -34.42 -3.97
N CYS A 180 -30.78 -33.45 -3.64
CA CYS A 180 -29.94 -32.73 -4.59
C CYS A 180 -28.51 -33.16 -4.36
N LYS A 181 -27.92 -33.85 -5.35
CA LYS A 181 -26.60 -34.43 -5.17
C LYS A 181 -25.76 -34.19 -6.42
N ILE A 182 -24.45 -34.15 -6.24
CA ILE A 182 -23.50 -34.00 -7.33
C ILE A 182 -23.01 -35.39 -7.72
N GLU A 183 -23.42 -35.86 -8.89
CA GLU A 183 -23.01 -37.16 -9.40
C GLU A 183 -21.74 -36.97 -10.23
N TRP A 184 -20.59 -36.98 -9.54
CA TRP A 184 -19.33 -36.89 -10.23
C TRP A 184 -19.08 -38.17 -11.03
N PRO A 185 -18.27 -38.10 -12.09
CA PRO A 185 -18.09 -39.28 -12.94
C PRO A 185 -17.52 -40.45 -12.15
N GLU A 186 -17.99 -41.64 -12.49
CA GLU A 186 -17.86 -42.83 -11.65
C GLU A 186 -16.49 -43.52 -11.77
N HIS A 187 -15.41 -42.77 -11.76
CA HIS A 187 -14.10 -43.40 -11.64
C HIS A 187 -13.94 -43.91 -10.22
N PRO A 188 -13.62 -45.20 -10.01
CA PRO A 188 -13.74 -45.79 -8.67
C PRO A 188 -12.91 -45.10 -7.62
N ASN A 189 -11.77 -44.54 -8.00
CA ASN A 189 -10.91 -43.84 -7.05
C ASN A 189 -11.39 -42.43 -6.75
N LYS A 190 -12.53 -42.02 -7.31
CA LYS A 190 -13.08 -40.67 -7.11
C LYS A 190 -12.07 -39.61 -7.53
N ILE A 191 -11.44 -39.83 -8.69
CA ILE A 191 -10.38 -38.92 -9.10
C ILE A 191 -10.94 -37.62 -9.67
N TYR A 192 -11.97 -37.69 -10.53
CA TYR A 192 -12.42 -36.46 -11.17
C TYR A 192 -12.98 -35.47 -10.14
N GLU A 193 -13.70 -35.98 -9.14
CA GLU A 193 -14.24 -35.10 -8.11
C GLU A 193 -13.13 -34.43 -7.33
N LYS A 194 -12.14 -35.22 -6.90
CA LYS A 194 -11.05 -34.66 -6.11
C LYS A 194 -10.21 -33.68 -6.92
N VAL A 195 -10.04 -33.95 -8.20
CA VAL A 195 -9.32 -33.02 -9.07
C VAL A 195 -10.06 -31.70 -9.13
N TYR A 196 -11.39 -31.75 -9.32
CA TYR A 196 -12.13 -30.50 -9.40
C TYR A 196 -12.06 -29.73 -8.09
N HIS A 197 -12.13 -30.43 -6.96
CA HIS A 197 -12.13 -29.71 -5.69
C HIS A 197 -10.77 -29.07 -5.39
N ILE A 198 -9.67 -29.79 -5.67
CA ILE A 198 -8.36 -29.17 -5.48
C ILE A 198 -8.16 -28.01 -6.43
N CYS A 199 -8.66 -28.14 -7.67
CA CYS A 199 -8.51 -27.07 -8.64
C CYS A 199 -9.25 -25.81 -8.19
N VAL A 200 -10.47 -25.98 -7.69
CA VAL A 200 -11.23 -24.83 -7.22
C VAL A 200 -10.56 -24.20 -6.02
N THR A 201 -10.13 -25.03 -5.06
CA THR A 201 -9.51 -24.48 -3.85
C THR A 201 -8.25 -23.70 -4.18
N VAL A 202 -7.43 -24.22 -5.10
CA VAL A 202 -6.23 -23.50 -5.50
C VAL A 202 -6.60 -22.19 -6.19
N LEU A 203 -7.63 -22.23 -7.03
CA LEU A 203 -7.97 -21.05 -7.83
C LEU A 203 -8.56 -19.93 -6.99
N ILE A 204 -9.37 -20.25 -5.99
CA ILE A 204 -10.13 -19.24 -5.26
C ILE A 204 -9.64 -19.11 -3.82
N TYR A 205 -8.50 -19.69 -3.47
CA TYR A 205 -7.98 -19.44 -2.14
C TYR A 205 -6.47 -19.25 -2.18
N PHE A 206 -5.73 -20.33 -2.42
CA PHE A 206 -4.28 -20.27 -2.21
C PHE A 206 -3.59 -19.35 -3.21
N LEU A 207 -3.89 -19.51 -4.50
CA LEU A 207 -3.27 -18.62 -5.48
C LEU A 207 -3.62 -17.15 -5.26
N PRO A 208 -4.91 -16.76 -5.15
CA PRO A 208 -5.18 -15.33 -4.88
C PRO A 208 -4.59 -14.82 -3.57
N LEU A 209 -4.55 -15.65 -2.53
CA LEU A 209 -3.94 -15.19 -1.28
C LEU A 209 -2.44 -15.00 -1.43
N LEU A 210 -1.78 -15.84 -2.23
CA LEU A 210 -0.34 -15.65 -2.45
C LEU A 210 -0.07 -14.43 -3.31
N VAL A 211 -0.87 -14.24 -4.37
CA VAL A 211 -0.67 -13.08 -5.24
C VAL A 211 -0.91 -11.78 -4.49
N ILE A 212 -2.07 -11.68 -3.81
CA ILE A 212 -2.37 -10.50 -3.02
C ILE A 212 -1.36 -10.34 -1.89
N GLY A 213 -0.83 -11.45 -1.37
CA GLY A 213 0.16 -11.34 -0.30
C GLY A 213 1.47 -10.75 -0.78
N TYR A 214 1.92 -11.11 -1.99
CA TYR A 214 3.10 -10.47 -2.54
C TYR A 214 2.84 -9.00 -2.84
N LEU A 215 1.67 -8.71 -3.42
CA LEU A 215 1.41 -7.33 -3.83
C LEU A 215 1.35 -6.39 -2.62
N TYR A 216 0.52 -6.73 -1.63
CA TYR A 216 0.41 -5.86 -0.46
C TYR A 216 1.61 -5.95 0.47
N THR A 217 2.41 -7.02 0.41
CA THR A 217 3.66 -7.00 1.16
C THR A 217 4.66 -6.02 0.56
N VAL A 218 4.80 -6.02 -0.77
CA VAL A 218 5.67 -5.04 -1.42
C VAL A 218 5.19 -3.63 -1.11
N VAL A 219 3.89 -3.39 -1.30
CA VAL A 219 3.34 -2.05 -1.09
C VAL A 219 3.50 -1.63 0.35
N GLY A 220 3.31 -2.55 1.29
CA GLY A 220 3.38 -2.19 2.70
C GLY A 220 4.78 -1.91 3.19
N ILE A 221 5.76 -2.68 2.71
CA ILE A 221 7.14 -2.39 3.08
C ILE A 221 7.60 -1.06 2.49
N THR A 222 7.34 -0.83 1.20
CA THR A 222 7.79 0.44 0.62
C THR A 222 7.05 1.63 1.23
N LEU A 223 5.82 1.45 1.67
CA LEU A 223 5.10 2.56 2.29
C LEU A 223 5.59 2.84 3.70
N ARG A 224 5.80 1.79 4.51
CA ARG A 224 6.28 2.01 5.87
C ARG A 224 7.70 2.58 5.86
N ALA A 225 8.52 2.18 4.89
CA ALA A 225 9.87 2.69 4.83
C ALA A 225 9.96 4.09 4.22
N SER A 226 8.92 4.55 3.53
CA SER A 226 8.96 5.80 2.77
C SER A 226 9.25 7.00 3.65
N GLY A 227 6.89 8.08 4.92
CA GLY A 227 7.45 7.45 6.10
C GLY A 227 8.37 8.33 6.92
N ILE A 228 7.89 9.52 7.28
CA ILE A 228 8.65 10.43 8.15
C ILE A 228 7.71 10.90 9.24
N ASP A 229 8.28 11.15 10.42
CA ASP A 229 7.52 11.68 11.55
C ASP A 229 7.48 13.21 11.44
N CYS A 230 6.42 13.72 10.79
CA CYS A 230 6.27 15.18 10.62
C CYS A 230 6.01 15.89 11.94
N SER A 231 5.55 15.17 12.96
CA SER A 231 5.37 15.78 14.28
C SER A 231 6.69 16.10 14.94
N PHE A 232 7.79 15.51 14.46
CA PHE A 232 9.12 15.82 14.96
C PHE A 232 9.92 16.68 14.01
N TRP A 233 10.07 16.25 12.75
CA TRP A 233 10.87 16.99 11.78
C TRP A 233 10.03 18.17 11.30
N ASN A 234 10.12 19.26 12.07
CA ASN A 234 9.23 20.40 11.99
C ASN A 234 9.99 21.61 12.52
N GLU A 235 10.03 22.70 11.75
CA GLU A 235 10.84 23.86 12.14
C GLU A 235 10.33 24.53 13.40
N SER A 236 9.09 24.24 13.80
CA SER A 236 8.47 24.91 14.94
C SER A 236 9.22 24.69 16.25
N TYR A 237 10.02 23.62 16.37
CA TYR A 237 10.75 23.37 17.61
C TYR A 237 12.11 24.07 17.66
N LEU A 238 12.51 24.73 16.58
CA LEU A 238 13.68 25.58 16.50
C LEU A 238 13.38 26.98 17.04
N THR A 239 14.43 27.68 17.48
CA THR A 239 14.29 28.99 18.10
C THR A 239 14.88 30.09 17.23
N GLY A 240 14.20 31.24 17.18
CA GLY A 240 14.76 32.39 16.51
C GLY A 240 14.61 32.37 14.99
N SER A 241 15.19 33.40 14.37
CA SER A 241 15.21 33.47 12.93
C SER A 241 16.27 32.51 12.41
N ARG A 242 16.10 32.09 11.14
CA ARG A 242 17.06 31.17 10.53
C ARG A 242 18.44 31.79 10.41
N ASP A 243 18.51 33.11 10.25
CA ASP A 243 19.79 33.80 10.14
C ASP A 243 20.57 33.73 11.46
N GLU A 244 19.86 33.96 12.58
CA GLU A 244 20.50 33.86 13.89
C GLU A 244 20.97 32.45 14.15
N ARG A 245 20.20 31.45 13.70
CA ARG A 245 20.58 30.05 13.91
C ARG A 245 21.79 29.68 13.06
N LYS A 246 21.85 30.17 11.82
CA LYS A 246 23.02 29.85 11.00
C LYS A 246 24.28 30.52 11.54
N LYS A 247 24.17 31.76 12.01
CA LYS A 247 25.37 32.41 12.54
C LYS A 247 25.82 31.74 13.84
N SER A 248 24.88 31.38 14.71
CA SER A 248 25.27 30.67 15.93
C SER A 248 25.86 29.30 15.63
N LEU A 249 25.34 28.62 14.62
CA LEU A 249 25.84 27.28 14.30
C LEU A 249 27.25 27.35 13.72
N LEU A 250 27.46 28.23 12.73
CA LEU A 250 28.79 28.39 12.17
C LEU A 250 29.78 28.93 13.19
N SER A 251 29.32 29.80 14.10
CA SER A 251 30.22 30.27 15.14
C SER A 251 30.63 29.15 16.09
N LYS A 252 29.73 28.20 16.34
CA LYS A 252 30.09 27.06 17.19
C LYS A 252 31.12 26.16 16.52
N PHE A 253 31.17 26.14 15.20
CA PHE A 253 32.17 25.36 14.48
C PHE A 253 33.46 26.13 14.22
N GLY A 254 33.57 27.37 14.69
CA GLY A 254 34.73 28.19 14.40
C GLY A 254 34.73 28.90 13.07
N MET A 255 33.60 28.94 12.38
CA MET A 255 33.46 29.62 11.11
C MET A 255 32.63 30.89 11.27
N ASP A 256 32.80 31.80 10.31
CA ASP A 256 31.96 32.98 10.24
C ASP A 256 30.93 32.75 9.15
N GLU A 257 30.03 33.72 8.99
CA GLU A 257 28.83 33.50 8.20
C GLU A 257 29.18 33.19 6.75
N GLY A 258 28.37 32.33 6.14
CA GLY A 258 28.51 31.99 4.74
C GLY A 258 27.38 31.08 4.33
N VAL A 259 27.32 30.80 3.04
CA VAL A 259 26.32 29.87 2.53
C VAL A 259 26.69 28.46 2.97
N THR A 260 25.80 27.84 3.73
CA THR A 260 26.10 26.62 4.49
C THR A 260 25.48 25.38 3.85
N PHE A 261 26.32 24.43 3.49
CA PHE A 261 25.93 23.13 2.96
C PHE A 261 26.16 22.04 3.99
N MET A 262 25.28 21.05 3.99
CA MET A 262 25.38 19.96 4.94
C MET A 262 25.22 18.65 4.18
N PHE A 263 26.00 17.66 4.56
CA PHE A 263 25.81 16.28 4.12
C PHE A 263 25.62 15.47 5.38
N ILE A 264 24.68 14.54 5.34
CA ILE A 264 24.51 13.60 6.44
C ILE A 264 24.21 12.21 5.86
N GLY A 265 24.98 11.22 6.26
CA GLY A 265 24.78 9.87 5.78
C GLY A 265 26.01 9.03 5.98
N ARG A 266 25.87 7.73 5.69
CA ARG A 266 27.00 6.82 5.88
C ARG A 266 28.09 7.20 4.90
N PHE A 267 29.34 7.08 5.35
CA PHE A 267 30.50 7.27 4.50
C PHE A 267 30.81 5.95 3.81
N ASP A 268 30.57 5.90 2.50
CA ASP A 268 30.77 4.66 1.75
C ASP A 268 30.98 4.98 0.28
N ARG A 269 31.34 3.96 -0.48
CA ARG A 269 31.61 4.08 -1.91
C ARG A 269 30.50 3.44 -2.72
N GLY A 270 30.04 4.15 -3.75
CA GLY A 270 29.04 3.67 -4.68
C GLY A 270 27.61 3.68 -4.18
N GLN A 271 27.34 4.30 -3.03
CA GLN A 271 26.00 4.30 -2.46
C GLN A 271 25.54 5.70 -2.06
N LYS A 272 25.97 6.18 -0.89
CA LYS A 272 25.49 7.46 -0.40
C LYS A 272 26.26 8.66 -0.95
N GLY A 273 27.34 8.42 -1.70
CA GLY A 273 27.94 9.48 -2.48
C GLY A 273 28.84 10.46 -1.77
N VAL A 274 29.32 10.15 -0.56
CA VAL A 274 30.20 11.11 0.10
C VAL A 274 31.48 11.28 -0.68
N ASP A 275 31.91 10.25 -1.43
CA ASP A 275 33.08 10.38 -2.28
C ASP A 275 32.86 11.40 -3.39
N VAL A 276 31.66 11.44 -3.97
CA VAL A 276 31.37 12.44 -4.98
C VAL A 276 31.38 13.83 -4.39
N LEU A 277 30.90 13.97 -3.15
CA LEU A 277 30.91 15.28 -2.52
C LEU A 277 32.32 15.73 -2.21
N LEU A 278 33.17 14.82 -1.74
CA LEU A 278 34.55 15.21 -1.44
C LEU A 278 35.31 15.58 -2.71
N LYS A 279 35.07 14.84 -3.82
CA LYS A 279 35.69 15.22 -5.08
C LYS A 279 35.19 16.60 -5.51
N ALA A 280 33.90 16.87 -5.31
CA ALA A 280 33.34 18.17 -5.65
C ALA A 280 33.92 19.28 -4.78
N ILE A 281 34.20 18.98 -3.51
CA ILE A 281 34.80 19.97 -2.62
C ILE A 281 36.20 20.30 -3.07
N GLU A 282 36.95 19.29 -3.50
CA GLU A 282 38.28 19.55 -4.03
C GLU A 282 38.20 20.38 -5.31
N ILE A 283 37.16 20.15 -6.12
CA ILE A 283 37.00 20.95 -7.33
C ILE A 283 36.72 22.40 -6.98
N LEU A 284 35.83 22.64 -6.00
CA LEU A 284 35.52 24.02 -5.65
C LEU A 284 36.67 24.71 -4.92
N SER A 285 37.57 23.94 -4.31
CA SER A 285 38.56 24.54 -3.41
C SER A 285 39.51 25.48 -4.13
N SER A 286 39.72 25.28 -5.44
CA SER A 286 40.62 26.19 -6.15
C SER A 286 39.94 27.47 -6.60
N LYS A 287 38.61 27.56 -6.51
CA LYS A 287 37.89 28.73 -6.97
C LYS A 287 37.75 29.76 -5.85
N LYS A 288 37.64 31.03 -6.24
CA LYS A 288 37.46 32.10 -5.25
C LYS A 288 36.11 32.00 -4.54
N GLU A 289 35.10 31.43 -5.22
CA GLU A 289 33.79 31.31 -4.60
C GLU A 289 33.83 30.39 -3.38
N PHE A 290 34.84 29.54 -3.30
CA PHE A 290 34.94 28.59 -2.19
C PHE A 290 35.05 29.34 -0.87
N GLN A 291 35.56 30.58 -0.88
CA GLN A 291 35.63 31.33 0.37
C GLN A 291 34.24 31.57 0.96
N GLU A 292 33.22 31.72 0.10
CA GLU A 292 31.89 32.10 0.53
C GLU A 292 31.06 30.90 0.99
N MET A 293 31.58 29.68 0.84
CA MET A 293 30.88 28.45 1.17
C MET A 293 31.34 27.91 2.51
N ARG A 294 30.42 27.21 3.17
CA ARG A 294 30.68 26.42 4.38
C ARG A 294 30.18 25.00 4.15
N PHE A 295 30.89 24.02 4.70
CA PHE A 295 30.52 22.62 4.52
C PHE A 295 30.52 21.93 5.87
N ILE A 296 29.47 21.15 6.13
CA ILE A 296 29.36 20.34 7.34
C ILE A 296 29.04 18.93 6.88
N ILE A 297 30.03 18.04 6.96
CA ILE A 297 29.84 16.65 6.56
C ILE A 297 29.66 15.84 7.83
N ILE A 298 28.58 15.07 7.89
CA ILE A 298 28.17 14.34 9.07
C ILE A 298 27.96 12.89 8.68
N GLY A 299 28.53 11.98 9.47
CA GLY A 299 28.35 10.54 9.25
C GLY A 299 29.56 9.75 9.70
N LYS A 300 29.52 8.43 9.55
CA LYS A 300 30.63 7.53 9.88
C LYS A 300 30.62 6.38 8.86
N GLY A 301 31.76 5.77 8.57
CA GLY A 301 31.74 4.71 7.55
C GLY A 301 33.12 4.25 7.16
N ASP A 302 33.47 4.42 5.89
CA ASP A 302 34.80 4.00 5.36
C ASP A 302 35.87 4.88 6.01
N PRO A 303 36.91 4.28 6.62
CA PRO A 303 38.03 5.03 7.25
C PRO A 303 38.82 5.94 6.29
N GLU A 304 38.95 5.49 5.03
CA GLU A 304 39.59 6.30 4.00
C GLU A 304 38.75 7.52 3.67
N LEU A 305 37.42 7.35 3.59
CA LEU A 305 36.58 8.52 3.37
C LEU A 305 36.58 9.39 4.61
N GLU A 306 36.67 8.79 5.80
CA GLU A 306 36.79 9.59 7.03
C GLU A 306 38.11 10.38 7.03
N GLY A 307 39.24 9.73 6.68
CA GLY A 307 40.47 10.48 6.65
C GLY A 307 40.47 11.50 5.53
N TRP A 308 39.82 11.19 4.41
CA TRP A 308 39.73 12.20 3.35
C TRP A 308 38.88 13.40 3.78
N ALA A 309 37.74 13.16 4.45
CA ALA A 309 36.90 14.28 4.90
C ALA A 309 37.60 15.08 5.99
N ARG A 310 38.27 14.39 6.91
CA ARG A 310 39.04 15.05 7.96
C ARG A 310 40.23 15.80 7.37
N SER A 311 40.80 15.24 6.29
CA SER A 311 41.92 15.86 5.58
C SER A 311 41.47 17.16 4.93
N LEU A 312 40.27 17.16 4.37
CA LEU A 312 39.68 18.38 3.85
C LEU A 312 39.37 19.33 4.99
N GLU A 313 39.03 18.77 6.17
CA GLU A 313 38.74 19.61 7.32
C GLU A 313 39.99 20.35 7.81
N GLU A 314 41.18 19.71 7.82
CA GLU A 314 42.34 20.51 8.22
C GLU A 314 42.88 21.37 7.09
N LYS A 315 42.61 21.01 5.82
CA LYS A 315 43.17 21.81 4.73
C LYS A 315 42.43 23.13 4.55
N HIS A 316 41.13 23.14 4.80
CA HIS A 316 40.30 24.31 4.56
C HIS A 316 39.52 24.63 5.82
N GLY A 317 39.48 25.91 6.17
CA GLY A 317 38.83 26.32 7.39
C GLY A 317 37.34 26.41 7.31
N ASN A 318 36.78 26.30 6.10
CA ASN A 318 35.34 26.33 5.90
C ASN A 318 34.72 24.93 5.81
N VAL A 319 35.49 23.88 6.06
CA VAL A 319 34.99 22.52 6.05
C VAL A 319 35.04 21.98 7.47
N LYS A 320 33.96 21.31 7.88
CA LYS A 320 33.85 20.69 9.20
C LYS A 320 33.29 19.30 9.04
N VAL A 321 33.83 18.34 9.78
CA VAL A 321 33.42 16.95 9.70
C VAL A 321 33.04 16.49 11.09
N ILE A 322 31.95 15.73 11.18
CA ILE A 322 31.46 15.21 12.45
C ILE A 322 31.24 13.73 12.19
N THR A 323 32.04 12.87 12.83
CA THR A 323 31.89 11.43 12.67
C THR A 323 31.22 10.79 13.86
N GLU A 324 31.15 11.47 14.99
CA GLU A 324 30.49 10.91 16.14
C GLU A 324 28.98 10.99 15.93
N MET A 325 28.26 10.05 16.55
CA MET A 325 26.82 10.03 16.47
C MET A 325 26.19 11.25 17.16
N LEU A 326 25.11 11.75 16.57
CA LEU A 326 24.39 12.92 17.05
C LEU A 326 22.97 12.54 17.42
N SER A 327 22.39 13.31 18.34
CA SER A 327 20.97 13.13 18.64
C SER A 327 20.16 13.66 17.46
N ARG A 328 18.94 13.13 17.29
CA ARG A 328 18.08 13.65 16.24
C ARG A 328 17.60 15.06 16.52
N GLU A 329 17.59 15.49 17.79
CA GLU A 329 17.25 16.88 18.08
C GLU A 329 18.32 17.81 17.51
N PHE A 330 19.59 17.44 17.66
CA PHE A 330 20.67 18.22 17.08
C PHE A 330 20.65 18.18 15.56
N VAL A 331 20.32 17.02 14.98
CA VAL A 331 20.25 16.94 13.52
C VAL A 331 19.11 17.82 12.99
N ARG A 332 18.01 17.89 13.73
CA ARG A 332 16.94 18.81 13.37
C ARG A 332 17.42 20.25 13.50
N GLU A 333 18.29 20.52 14.48
CA GLU A 333 18.88 21.86 14.60
C GLU A 333 19.71 22.19 13.38
N LEU A 334 20.44 21.19 12.85
CA LEU A 334 21.25 21.42 11.65
C LEU A 334 20.39 21.66 10.41
N TYR A 335 19.33 20.87 10.25
CA TYR A 335 18.48 21.02 9.08
C TYR A 335 17.83 22.38 9.02
N GLY A 336 17.52 22.96 10.18
CA GLY A 336 16.93 24.26 10.30
C GLY A 336 17.87 25.44 10.31
N SER A 337 19.16 25.21 10.19
CA SER A 337 20.13 26.31 10.21
C SER A 337 20.89 26.44 8.90
N VAL A 338 21.22 25.31 8.27
CA VAL A 338 22.00 25.34 7.05
C VAL A 338 21.16 25.89 5.90
N ASP A 339 21.84 26.35 4.86
CA ASP A 339 21.14 26.82 3.68
C ASP A 339 20.72 25.66 2.78
N PHE A 340 21.59 24.67 2.58
CA PHE A 340 21.36 23.58 1.64
C PHE A 340 21.82 22.26 2.21
N VAL A 341 21.14 21.19 1.80
CA VAL A 341 21.52 19.83 2.16
C VAL A 341 21.86 19.09 0.88
N ILE A 342 23.04 18.50 0.85
CA ILE A 342 23.55 17.78 -0.31
C ILE A 342 23.32 16.30 -0.08
N ILE A 343 22.66 15.66 -1.04
CA ILE A 343 22.29 14.24 -0.98
C ILE A 343 22.77 13.60 -2.28
N PRO A 344 24.07 13.28 -2.40
CA PRO A 344 24.58 12.83 -3.70
C PRO A 344 24.54 11.32 -3.85
N SER A 345 23.43 10.70 -3.44
CA SER A 345 23.34 9.24 -3.41
C SER A 345 23.43 8.66 -4.82
N TYR A 346 24.18 7.56 -4.95
CA TYR A 346 24.06 6.72 -6.15
C TYR A 346 22.75 5.93 -6.15
N PHE A 347 22.22 5.61 -4.97
CA PHE A 347 21.11 4.68 -4.79
C PHE A 347 20.34 5.15 -3.56
N GLU A 348 19.09 5.51 -3.74
CA GLU A 348 18.27 6.08 -2.67
C GLU A 348 16.82 5.68 -2.84
N PRO A 349 16.44 4.49 -2.35
CA PRO A 349 15.06 4.04 -2.58
C PRO A 349 14.04 5.02 -2.01
N PHE A 350 14.37 5.72 -0.95
CA PHE A 350 13.26 6.46 -0.36
C PHE A 350 13.56 7.94 -0.19
N GLY A 351 14.79 8.30 0.15
CA GLY A 351 15.18 9.71 0.15
C GLY A 351 14.44 10.38 1.28
N LEU A 352 14.28 9.66 2.40
CA LEU A 352 13.72 10.25 3.60
C LEU A 352 14.56 11.41 4.15
N VAL A 353 15.88 11.38 3.96
CA VAL A 353 16.71 12.47 4.49
C VAL A 353 16.35 13.77 3.78
N ALA A 354 15.96 13.68 2.51
CA ALA A 354 15.52 14.86 1.78
C ALA A 354 14.21 15.40 2.36
N LEU A 355 13.30 14.50 2.74
CA LEU A 355 12.06 14.99 3.37
C LEU A 355 12.37 15.66 4.70
N GLU A 356 13.36 15.12 5.43
CA GLU A 356 13.74 15.73 6.70
C GLU A 356 14.33 17.12 6.48
N ALA A 357 15.18 17.28 5.46
CA ALA A 357 15.76 18.58 5.20
C ALA A 357 14.71 19.57 4.68
N MET A 358 13.82 19.12 3.79
CA MET A 358 12.85 20.04 3.20
C MET A 358 11.83 20.50 4.22
N CYS A 359 11.44 19.61 5.14
CA CYS A 359 10.50 20.03 6.18
C CYS A 359 11.09 21.12 7.05
N LEU A 360 12.41 21.10 7.24
CA LEU A 360 13.11 22.08 8.05
C LEU A 360 13.59 23.28 7.26
N GLY A 361 13.23 23.39 5.98
CA GLY A 361 13.56 24.56 5.20
C GLY A 361 14.92 24.54 4.53
N ALA A 362 15.71 23.49 4.73
CA ALA A 362 16.93 23.37 3.96
C ALA A 362 16.57 23.00 2.52
N ILE A 363 17.32 23.54 1.57
CA ILE A 363 17.05 23.32 0.15
C ILE A 363 17.92 22.15 -0.31
N PRO A 364 17.34 21.07 -0.81
CA PRO A 364 18.15 19.91 -1.18
C PRO A 364 18.81 20.09 -2.53
N ILE A 365 20.03 19.60 -2.62
CA ILE A 365 20.78 19.44 -3.85
C ILE A 365 21.10 17.95 -3.89
N ALA A 366 20.43 17.21 -4.77
CA ALA A 366 20.43 15.77 -4.67
C ALA A 366 20.57 15.10 -6.03
N SER A 367 21.11 13.88 -6.01
CA SER A 367 21.11 13.05 -7.19
C SER A 367 19.68 12.68 -7.59
N ALA A 368 19.44 12.64 -8.91
CA ALA A 368 18.14 12.23 -9.43
C ALA A 368 18.10 10.70 -9.51
N VAL A 369 17.98 10.08 -8.34
CA VAL A 369 17.84 8.64 -8.23
C VAL A 369 16.73 8.29 -7.25
N GLY A 370 16.06 7.17 -7.50
CA GLY A 370 15.20 6.58 -6.50
C GLY A 370 14.11 7.52 -6.04
N GLY A 371 13.90 7.57 -4.72
CA GLY A 371 12.88 8.42 -4.15
C GLY A 371 13.24 9.90 -4.20
N LEU A 372 14.52 10.23 -4.32
CA LEU A 372 14.91 11.63 -4.47
C LEU A 372 14.36 12.24 -5.75
N ARG A 373 14.34 11.46 -6.83
CA ARG A 373 13.78 11.95 -8.09
C ARG A 373 12.27 12.17 -7.95
N ASP A 374 11.60 11.37 -7.11
CA ASP A 374 10.17 11.48 -6.93
C ASP A 374 9.80 12.62 -5.99
N ILE A 375 10.62 12.88 -4.97
CA ILE A 375 10.29 13.93 -4.01
C ILE A 375 10.62 15.31 -4.55
N ILE A 376 11.79 15.48 -5.12
CA ILE A 376 12.25 16.81 -5.53
C ILE A 376 11.70 17.13 -6.92
N THR A 377 11.30 18.38 -7.11
CA THR A 377 10.80 18.92 -8.37
C THR A 377 11.63 20.14 -8.76
N ASN A 378 11.33 20.70 -9.93
CA ASN A 378 12.09 21.85 -10.41
C ASN A 378 11.97 23.06 -9.50
N GLU A 379 10.84 23.21 -8.81
CA GLU A 379 10.56 24.33 -7.91
C GLU A 379 10.95 24.08 -6.47
N THR A 380 11.42 22.88 -6.12
CA THR A 380 11.67 22.52 -4.72
C THR A 380 13.07 21.97 -4.46
N GLY A 381 14.03 22.21 -5.34
CA GLY A 381 15.37 21.72 -5.11
C GLY A 381 16.22 21.81 -6.35
N ILE A 382 17.45 21.34 -6.20
CA ILE A 382 18.42 21.30 -7.30
C ILE A 382 18.83 19.85 -7.47
N LEU A 383 18.63 19.32 -8.67
CA LEU A 383 18.91 17.93 -8.98
C LEU A 383 20.09 17.81 -9.95
N VAL A 384 20.88 16.74 -9.78
CA VAL A 384 22.05 16.52 -10.62
C VAL A 384 22.17 15.03 -10.93
N LYS A 385 22.96 14.72 -11.95
CA LYS A 385 23.25 13.32 -12.25
C LYS A 385 24.04 12.69 -11.12
N ALA A 386 23.65 11.48 -10.73
CA ALA A 386 24.40 10.79 -9.69
C ALA A 386 25.79 10.46 -10.22
N GLY A 387 26.78 10.57 -9.35
CA GLY A 387 28.12 10.15 -9.69
C GLY A 387 28.94 11.08 -10.56
N ASP A 388 28.55 12.34 -10.74
CA ASP A 388 29.28 13.27 -11.60
C ASP A 388 29.67 14.44 -10.70
N PRO A 389 30.88 14.40 -10.12
CA PRO A 389 31.28 15.47 -9.18
C PRO A 389 31.29 16.86 -9.78
N GLY A 390 31.60 17.01 -11.08
CA GLY A 390 31.62 18.34 -11.65
C GLY A 390 30.24 18.93 -11.77
N GLU A 391 29.24 18.09 -12.08
CA GLU A 391 27.86 18.56 -12.09
C GLU A 391 27.41 18.94 -10.70
N LEU A 392 27.88 18.22 -9.68
CA LEU A 392 27.52 18.53 -8.30
C LEU A 392 28.16 19.83 -7.83
N ALA A 393 29.43 20.04 -8.18
CA ALA A 393 30.09 21.29 -7.85
C ALA A 393 29.43 22.46 -8.57
N ASN A 394 29.01 22.25 -9.82
CA ASN A 394 28.31 23.29 -10.54
C ASN A 394 26.98 23.60 -9.88
N ALA A 395 26.30 22.58 -9.37
CA ALA A 395 25.05 22.84 -8.66
C ALA A 395 25.29 23.61 -7.38
N ILE A 396 26.40 23.30 -6.70
CA ILE A 396 26.75 24.04 -5.49
C ILE A 396 27.06 25.50 -5.81
N LEU A 397 27.74 25.75 -6.94
CA LEU A 397 28.00 27.14 -7.33
C LEU A 397 26.70 27.87 -7.67
N LYS A 398 25.76 27.17 -8.32
CA LYS A 398 24.45 27.74 -8.59
C LYS A 398 23.71 28.06 -7.30
N ALA A 399 23.83 27.18 -6.30
CA ALA A 399 23.19 27.44 -5.02
C ALA A 399 23.80 28.66 -4.34
N LEU A 400 25.11 28.84 -4.49
CA LEU A 400 25.75 30.03 -3.95
C LEU A 400 25.25 31.30 -4.64
N GLU A 401 25.08 31.25 -5.96
CA GLU A 401 24.56 32.40 -6.67
C GLU A 401 23.10 32.67 -6.28
N LEU A 402 22.33 31.60 -6.05
CA LEU A 402 20.95 31.77 -5.62
C LEU A 402 20.83 32.36 -4.22
N SER A 403 21.80 32.08 -3.34
CA SER A 403 21.75 32.62 -1.99
C SER A 403 21.82 34.13 -1.98
N ARG A 404 22.36 34.73 -3.05
CA ARG A 404 22.40 36.18 -3.16
C ARG A 404 21.01 36.80 -3.03
N SER A 405 20.03 36.23 -3.74
CA SER A 405 18.65 36.66 -3.65
C SER A 405 17.97 36.00 -2.46
N ASP A 406 16.82 36.57 -2.06
CA ASP A 406 16.04 35.95 -1.01
C ASP A 406 15.63 34.54 -1.41
N LEU A 407 15.74 33.60 -0.46
CA LEU A 407 15.44 32.20 -0.69
C LEU A 407 14.19 31.74 0.04
N SER A 408 13.43 32.67 0.64
CA SER A 408 12.32 32.27 1.50
C SER A 408 11.23 31.52 0.73
N LYS A 409 10.85 31.98 -0.48
CA LYS A 409 9.83 31.20 -1.19
C LYS A 409 10.37 29.83 -1.62
N PHE A 410 11.67 29.71 -1.92
CA PHE A 410 12.16 28.39 -2.30
C PHE A 410 12.00 27.43 -1.13
N ARG A 411 12.39 27.85 0.07
CA ARG A 411 12.20 27.01 1.25
C ARG A 411 10.74 26.76 1.54
N GLU A 412 9.87 27.74 1.28
CA GLU A 412 8.43 27.54 1.47
C GLU A 412 7.91 26.48 0.53
N ASN A 413 8.38 26.47 -0.71
CA ASN A 413 7.98 25.45 -1.66
C ASN A 413 8.49 24.08 -1.22
N CYS A 414 9.71 24.05 -0.65
CA CYS A 414 10.26 22.80 -0.15
C CYS A 414 9.45 22.25 1.02
N LYS A 415 9.05 23.12 1.95
CA LYS A 415 8.28 22.69 3.11
C LYS A 415 6.91 22.20 2.69
N LYS A 416 6.28 22.91 1.77
CA LYS A 416 4.96 22.53 1.29
C LYS A 416 5.03 21.21 0.54
N ARG A 417 6.10 21.02 -0.24
CA ARG A 417 6.28 19.77 -0.98
C ARG A 417 6.53 18.58 -0.06
N ALA A 418 7.38 18.76 0.95
CA ALA A 418 7.66 17.66 1.88
C ALA A 418 6.43 17.30 2.69
N MET A 419 5.62 18.29 3.07
CA MET A 419 4.42 18.01 3.84
C MET A 419 3.38 17.29 2.97
N SER A 420 3.14 17.81 1.76
CA SER A 420 2.14 17.19 0.89
C SER A 420 2.53 15.80 0.43
N PHE A 421 3.83 15.53 0.23
CA PHE A 421 4.26 14.18 -0.10
C PHE A 421 4.00 13.18 1.02
N SER A 422 4.12 13.60 2.28
CA SER A 422 3.92 12.68 3.41
C SER A 422 2.46 12.30 3.63
N GLU A 423 1.33 14.08 2.90
CA GLU A 423 0.07 13.46 3.27
C GLU A 423 -0.26 12.28 2.34
N GLN A 424 0.37 12.23 1.17
CA GLN A 424 0.11 11.16 0.20
C GLN A 424 0.38 9.79 0.81
N VAL A 425 1.60 9.60 1.31
CA VAL A 425 2.02 8.29 1.80
C VAL A 425 1.15 7.84 2.95
N SER A 426 0.67 8.77 3.77
CA SER A 426 -0.25 8.42 4.84
C SER A 426 -1.58 7.91 4.28
N ALA A 427 -2.11 8.59 3.26
CA ALA A 427 -3.38 8.16 2.67
C ALA A 427 -3.25 6.77 2.07
N ALA A 428 -2.15 6.52 1.36
CA ALA A 428 -1.93 5.20 0.78
C ALA A 428 -1.79 4.14 1.86
N ARG A 429 -1.11 4.46 2.97
CA ARG A 429 -1.01 3.48 4.04
C ARG A 429 -2.36 3.18 4.68
N LYS A 430 -3.22 4.18 4.80
CA LYS A 430 -4.52 3.93 5.39
C LYS A 430 -5.36 3.02 4.51
N VAL A 431 -5.44 3.33 3.20
CA VAL A 431 -6.24 2.50 2.32
C VAL A 431 -5.68 1.08 2.25
N VAL A 432 -4.36 0.97 2.12
CA VAL A 432 -3.76 -0.37 1.98
C VAL A 432 -3.93 -1.18 3.26
N LYS A 433 -3.90 -0.54 4.43
CA LYS A 433 -4.21 -1.27 5.65
C LYS A 433 -5.64 -1.79 5.62
N MET A 434 -6.58 -0.98 5.12
CA MET A 434 -7.96 -1.43 5.02
C MET A 434 -8.07 -2.67 4.13
N MET A 435 -7.44 -2.63 2.97
CA MET A 435 -7.52 -3.79 2.08
C MET A 435 -6.85 -5.01 2.68
N ILE A 436 -5.79 -4.83 3.47
CA ILE A 436 -5.19 -5.96 4.15
C ILE A 436 -6.18 -6.57 5.14
N VAL A 437 -6.98 -5.73 5.81
CA VAL A 437 -8.02 -6.28 6.68
C VAL A 437 -9.07 -7.03 5.87
N VAL A 438 -9.37 -6.58 4.65
CA VAL A 438 -10.34 -7.29 3.81
C VAL A 438 -9.82 -8.68 3.48
N VAL A 439 -8.58 -8.76 2.99
CA VAL A 439 -8.03 -10.03 2.56
C VAL A 439 -7.87 -10.97 3.76
N CYS A 440 -7.49 -10.40 4.91
CA CYS A 440 -7.35 -11.22 6.11
C CYS A 440 -8.69 -11.81 6.53
N THR A 441 -9.76 -11.01 6.47
CA THR A 441 -11.09 -11.54 6.77
C THR A 441 -11.45 -12.65 5.81
N PHE A 442 -11.02 -12.52 4.55
CA PHE A 442 -11.35 -13.54 3.56
C PHE A 442 -10.64 -14.85 3.90
N ALA A 443 -9.35 -14.77 4.23
CA ALA A 443 -8.59 -15.98 4.53
C ALA A 443 -9.10 -16.67 5.79
N ILE A 444 -9.41 -15.89 6.82
CA ILE A 444 -9.95 -16.46 8.07
C ILE A 444 -11.29 -17.13 7.81
N CYS A 445 -12.17 -16.44 7.09
CA CYS A 445 -13.51 -16.98 6.86
C CYS A 445 -13.48 -18.26 6.00
N TRP A 446 -12.54 -18.36 5.06
CA TRP A 446 -12.58 -19.49 4.15
C TRP A 446 -11.67 -20.65 4.53
N LEU A 447 -10.71 -20.48 5.44
CA LEU A 447 -9.86 -21.61 5.80
C LEU A 447 -10.62 -22.82 6.35
N PRO A 448 -11.46 -22.69 7.39
CA PRO A 448 -12.14 -23.88 7.91
C PRO A 448 -13.00 -24.60 6.88
N PHE A 449 -13.60 -23.86 5.97
CA PHE A 449 -14.46 -24.44 4.95
C PHE A 449 -13.66 -25.33 4.00
N HIS A 450 -12.61 -24.76 3.39
CA HIS A 450 -11.82 -25.51 2.43
C HIS A 450 -11.15 -26.71 3.11
N ILE A 451 -10.70 -26.54 4.35
CA ILE A 451 -10.14 -27.68 5.06
C ILE A 451 -11.21 -28.74 5.31
N PHE A 452 -12.45 -28.32 5.55
CA PHE A 452 -13.52 -29.28 5.80
C PHE A 452 -13.82 -30.12 4.57
N PHE A 453 -13.98 -29.48 3.41
CA PHE A 453 -14.31 -30.26 2.22
C PHE A 453 -13.12 -31.04 1.67
N LEU A 454 -11.90 -30.56 1.85
CA LEU A 454 -10.76 -31.34 1.41
C LEU A 454 -10.32 -32.37 2.44
N LEU A 455 -10.96 -32.40 3.61
CA LEU A 455 -10.67 -33.42 4.61
C LEU A 455 -10.85 -34.85 4.10
N PRO A 456 -11.94 -35.20 3.39
CA PRO A 456 -12.10 -36.61 3.00
C PRO A 456 -10.96 -37.17 2.18
N TYR A 457 -10.33 -36.36 1.33
CA TYR A 457 -9.24 -36.85 0.49
C TYR A 457 -7.93 -36.89 1.27
N ILE A 468 -20.71 -35.09 12.75
CA ILE A 468 -20.05 -33.81 12.90
C ILE A 468 -20.81 -32.72 12.13
N GLN A 469 -22.14 -32.89 11.98
CA GLN A 469 -22.91 -31.89 11.26
C GLN A 469 -23.02 -30.57 12.00
N GLN A 470 -22.86 -30.57 13.33
CA GLN A 470 -22.80 -29.30 14.04
C GLN A 470 -21.58 -28.50 13.58
N VAL A 471 -20.47 -29.19 13.33
CA VAL A 471 -19.27 -28.54 12.78
C VAL A 471 -19.57 -27.99 11.40
N TYR A 472 -20.40 -28.71 10.62
CA TYR A 472 -20.76 -28.22 9.30
C TYR A 472 -21.61 -26.97 9.39
N LEU A 473 -22.53 -26.91 10.36
CA LEU A 473 -23.35 -25.72 10.53
C LEU A 473 -22.48 -24.52 10.89
N ALA A 474 -21.54 -24.71 11.82
CA ALA A 474 -20.69 -23.61 12.23
C ALA A 474 -19.79 -23.14 11.10
N ILE A 475 -19.11 -24.08 10.44
CA ILE A 475 -18.19 -23.73 9.36
C ILE A 475 -18.93 -23.08 8.20
N MET A 476 -20.16 -23.52 7.94
CA MET A 476 -20.93 -22.90 6.87
C MET A 476 -21.33 -21.48 7.23
N TRP A 477 -21.74 -21.27 8.48
CA TRP A 477 -22.07 -19.91 8.89
C TRP A 477 -20.85 -18.99 8.82
N LEU A 478 -19.69 -19.48 9.26
CA LEU A 478 -18.50 -18.64 9.21
C LEU A 478 -18.08 -18.34 7.77
N ALA A 479 -18.16 -19.34 6.91
CA ALA A 479 -17.77 -19.14 5.51
C ALA A 479 -18.69 -18.18 4.81
N MET A 480 -20.00 -18.28 5.05
CA MET A 480 -20.93 -17.40 4.35
C MET A 480 -21.10 -16.05 5.05
N SER A 481 -20.54 -15.87 6.24
CA SER A 481 -20.55 -14.58 6.91
C SER A 481 -19.59 -13.58 6.29
N SER A 482 -18.64 -14.03 5.46
CA SER A 482 -17.67 -13.11 4.86
C SER A 482 -18.33 -12.09 3.96
N THR A 483 -19.51 -12.40 3.42
CA THR A 483 -20.20 -11.48 2.53
C THR A 483 -20.67 -10.22 3.24
N MET A 484 -20.97 -10.30 4.54
CA MET A 484 -21.43 -9.14 5.30
C MET A 484 -20.30 -8.23 5.78
N TYR A 485 -19.04 -8.69 5.72
CA TYR A 485 -17.95 -8.01 6.43
C TYR A 485 -17.38 -6.84 5.64
N ASN A 486 -17.25 -6.97 4.32
CA ASN A 486 -16.63 -5.89 3.53
C ASN A 486 -17.30 -4.55 3.73
N PRO A 487 -18.63 -4.42 3.68
CA PRO A 487 -19.23 -3.10 3.95
C PRO A 487 -18.89 -2.57 5.34
N ILE A 488 -18.77 -3.45 6.34
CA ILE A 488 -18.38 -3.01 7.67
C ILE A 488 -16.95 -2.50 7.68
N ILE A 489 -16.04 -3.22 7.00
CA ILE A 489 -14.64 -2.79 6.96
C ILE A 489 -14.51 -1.44 6.27
N TYR A 490 -15.23 -1.26 5.15
CA TYR A 490 -15.17 0.02 4.46
C TYR A 490 -15.72 1.14 5.34
N CYS A 491 -16.81 0.87 6.06
CA CYS A 491 -17.39 1.91 6.90
C CYS A 491 -16.48 2.29 8.07
N CYS A 492 -15.76 1.32 8.63
CA CYS A 492 -14.96 1.65 9.81
C CYS A 492 -13.60 2.24 9.47
N LEU A 493 -12.96 1.76 8.41
CA LEU A 493 -11.58 2.14 8.12
C LEU A 493 -11.43 3.13 6.97
N ASN A 494 -12.53 3.65 6.43
CA ASN A 494 -12.44 4.58 5.30
C ASN A 494 -13.44 5.72 5.50
N ASP A 495 -12.91 6.95 5.59
CA ASP A 495 -13.75 8.11 5.89
C ASP A 495 -14.76 8.41 4.77
N ARG A 496 -14.40 8.14 3.51
CA ARG A 496 -15.32 8.39 2.41
C ARG A 496 -16.52 7.44 2.48
N PHE A 497 -16.26 6.15 2.67
CA PHE A 497 -17.34 5.19 2.84
C PHE A 497 -18.15 5.49 4.09
N ARG A 498 -17.51 5.97 5.16
CA ARG A 498 -18.25 6.33 6.36
C ARG A 498 -19.21 7.48 6.09
N LEU A 499 -18.77 8.49 5.33
CA LEU A 499 -19.67 9.57 4.95
C LEU A 499 -20.81 9.06 4.06
N GLY A 500 -20.54 8.07 3.20
CA GLY A 500 -21.60 7.55 2.35
C GLY A 500 -22.63 6.73 3.12
N PHE A 501 -22.18 5.95 4.10
CA PHE A 501 -23.11 5.19 4.93
C PHE A 501 -23.94 6.11 5.82
N LYS A 502 -23.35 7.20 6.33
CA LYS A 502 -24.17 8.14 7.08
C LYS A 502 -25.11 8.93 6.16
N HIS A 503 -24.75 9.11 4.88
CA HIS A 503 -25.67 9.77 3.96
C HIS A 503 -26.88 8.88 3.66
N ALA A 504 -26.66 7.58 3.46
CA ALA A 504 -27.79 6.71 3.13
C ALA A 504 -28.75 6.57 4.31
N PHE A 505 -28.20 6.39 5.51
CA PHE A 505 -29.00 6.13 6.70
C PHE A 505 -29.45 7.44 7.33
C10 GBK B . -20.43 -27.73 -1.69
C13 GBK B . -18.15 -28.30 -2.54
C17 GBK B . -16.77 -27.67 -2.81
C20 GBK B . -14.30 -26.53 -3.28
C21 GBK B . -15.17 -26.72 -4.34
C22 GBK B . -16.42 -27.29 -4.10
C01 GBK B . -20.72 -22.13 -0.20
C02 GBK B . -19.37 -23.12 -1.85
C03 GBK B . -18.44 -22.13 -1.63
C04 GBK B . -17.24 -22.14 -2.33
C05 GBK B . -16.97 -23.14 -3.25
C06 GBK B . -17.91 -24.13 -3.46
C07 GBK B . -19.11 -24.12 -2.77
C08 GBK B . -20.12 -25.22 -3.03
C09 GBK B . -19.11 -27.18 -2.19
C11 GBK B . -20.68 -29.15 -2.22
C12 GBK B . -20.04 -29.39 -3.61
N14 GBK B . -19.34 -26.38 -3.38
N15 GBK B . -18.63 -29.00 -3.73
O16 GBK B . -20.59 -23.12 -1.16
C18 GBK B . -15.89 -27.48 -1.76
C19 GBK B . -14.65 -26.92 -1.99
#